data_2FPQ
#
_entry.id   2FPQ
#
_cell.length_a   46.829
_cell.length_b   89.818
_cell.length_c   54.400
_cell.angle_alpha   90.00
_cell.angle_beta   94.29
_cell.angle_gamma   90.00
#
_symmetry.space_group_name_H-M   'P 1 21 1'
#
loop_
_entity.id
_entity.type
_entity.pdbx_description
1 polymer 'BOTULINUM NEUROTOXIN D LIGHT CHAIN'
2 non-polymer 'ZINC ION'
3 non-polymer 'POTASSIUM ION'
4 water water
#
_entity_poly.entity_id   1
_entity_poly.type   'polypeptide(L)'
_entity_poly.pdbx_seq_one_letter_code
;GPLGSPEFMTWPVKDFNYSDPVNDNDILYLRIPQNKLITTPVKAFMITQNIWVIPERFSSDTNPSLSKPPRPTSKYQSYY
DPSYLSTDEQKDTFLKGIIKLFKRINERDIGKKLINYLVVGSPFMGDSSTPEDTFDFTRHTTNIAVEKFENGSWKVTNII
TPSVLIFGPLPNILDYTASLTLQGQQSNPSFEGFGTLSILKVAPEFLLTFSDVTSNQSSAVLGKSIFCMDPVIALMHELT
HSLHQLYGINIPSDKRIRPQVSEGFFSQDGPNVQFEELYTFGGLDVEIIPQIERSQLREKALGHYKDIAKRLNNINKTIP
SSWISNIDKYKKIFSEKYNFDKDNTGNFVVNIDKFNSLYSDLTNVMSEVVYSSQYNVKNRTHYFSRHYLPVFANILDDNI
YTIRDGFNLTNKGFNIENSGQNIERNPALQKLSSESVVDLFTKV
;
_entity_poly.pdbx_strand_id   A
#
loop_
_chem_comp.id
_chem_comp.type
_chem_comp.name
_chem_comp.formula
K non-polymer 'POTASSIUM ION' 'K 1'
ZN non-polymer 'ZINC ION' 'Zn 2'
#
# COMPACT_ATOMS: atom_id res chain seq x y z
N GLU A 7 7.66 -18.53 17.79
CA GLU A 7 6.90 -18.44 16.50
C GLU A 7 5.82 -17.37 16.57
N PHE A 8 5.57 -16.76 15.42
CA PHE A 8 4.60 -15.64 15.30
C PHE A 8 3.69 -15.92 14.08
N MET A 9 2.39 -15.63 14.24
CA MET A 9 1.40 -15.91 13.21
C MET A 9 1.80 -15.33 11.83
N THR A 10 1.84 -16.18 10.81
CA THR A 10 2.31 -15.79 9.47
C THR A 10 1.33 -16.19 8.35
N TRP A 11 0.86 -15.21 7.56
CA TRP A 11 0.01 -15.51 6.43
C TRP A 11 0.88 -16.11 5.33
N PRO A 12 0.43 -17.23 4.73
CA PRO A 12 1.22 -17.83 3.65
C PRO A 12 1.19 -17.03 2.37
N VAL A 13 2.31 -17.08 1.64
CA VAL A 13 2.41 -16.38 0.38
C VAL A 13 2.55 -17.45 -0.68
N LYS A 14 1.64 -17.49 -1.66
CA LYS A 14 1.56 -18.52 -2.70
C LYS A 14 2.42 -18.18 -3.91
N ASP A 15 3.14 -19.19 -4.44
CA ASP A 15 3.85 -19.05 -5.70
C ASP A 15 2.90 -19.25 -6.88
N PHE A 16 3.15 -18.45 -7.90
CA PHE A 16 2.43 -18.50 -9.16
C PHE A 16 3.38 -18.25 -10.34
N ASN A 17 3.03 -18.81 -11.49
CA ASN A 17 3.55 -18.40 -12.82
C ASN A 17 2.51 -17.57 -13.51
N TYR A 18 2.93 -16.52 -14.21
CA TYR A 18 1.99 -15.73 -14.98
C TYR A 18 1.07 -16.58 -15.88
N SER A 19 1.65 -17.61 -16.49
CA SER A 19 0.92 -18.48 -17.36
C SER A 19 -0.03 -19.47 -16.65
N ASP A 20 -0.12 -19.49 -15.30
CA ASP A 20 -0.95 -20.52 -14.68
C ASP A 20 -2.40 -20.22 -15.05
N PRO A 21 -3.20 -21.26 -15.35
CA PRO A 21 -4.57 -21.01 -15.80
C PRO A 21 -5.46 -20.44 -14.70
N VAL A 22 -6.42 -19.62 -15.08
CA VAL A 22 -7.45 -19.16 -14.16
C VAL A 22 -8.14 -20.39 -13.56
N ASN A 23 -8.57 -20.25 -12.31
CA ASN A 23 -9.09 -21.40 -11.53
C ASN A 23 -10.31 -21.07 -10.68
N ASP A 24 -10.82 -19.85 -10.84
CA ASP A 24 -12.05 -19.40 -10.19
C ASP A 24 -11.88 -19.30 -8.68
N ASN A 25 -10.63 -19.26 -8.23
CA ASN A 25 -10.30 -19.19 -6.79
C ASN A 25 -9.29 -18.04 -6.54
N ASP A 26 -8.01 -18.31 -6.81
CA ASP A 26 -6.97 -17.33 -6.59
C ASP A 26 -6.28 -16.83 -7.87
N ILE A 27 -6.78 -17.21 -9.04
CA ILE A 27 -6.30 -16.65 -10.31
C ILE A 27 -7.57 -16.42 -11.10
N LEU A 28 -7.82 -15.14 -11.41
CA LEU A 28 -9.10 -14.67 -11.86
C LEU A 28 -8.84 -13.59 -12.92
N TYR A 29 -9.86 -13.30 -13.73
CA TYR A 29 -9.89 -12.03 -14.47
C TYR A 29 -10.75 -11.01 -13.72
N LEU A 30 -10.20 -9.82 -13.52
CA LEU A 30 -10.83 -8.71 -12.82
C LEU A 30 -10.95 -7.46 -13.67
N ARG A 31 -12.05 -6.76 -13.48
CA ARG A 31 -12.26 -5.45 -14.11
C ARG A 31 -11.97 -4.42 -13.02
N ILE A 32 -11.06 -3.51 -13.32
CA ILE A 32 -10.65 -2.49 -12.37
C ILE A 32 -10.88 -1.15 -13.08
N PRO A 33 -12.05 -0.53 -12.92
CA PRO A 33 -12.35 0.70 -13.66
C PRO A 33 -11.45 1.92 -13.36
N GLN A 34 -10.84 1.90 -12.19
CA GLN A 34 -9.97 2.95 -11.69
C GLN A 34 -8.71 3.08 -12.59
N ASN A 35 -8.37 1.99 -13.26
CA ASN A 35 -7.28 1.99 -14.25
C ASN A 35 -7.73 2.38 -15.64
N LYS A 36 -7.62 3.68 -15.93
CA LYS A 36 -8.06 4.23 -17.19
C LYS A 36 -7.22 3.78 -18.39
N LEU A 37 -6.04 3.27 -18.13
CA LEU A 37 -5.15 2.83 -19.18
C LEU A 37 -5.63 1.50 -19.76
N ILE A 38 -6.30 0.67 -18.94
CA ILE A 38 -6.81 -0.61 -19.40
C ILE A 38 -8.31 -0.72 -19.17
N THR A 39 -9.03 -0.97 -20.26
CA THR A 39 -10.51 -0.94 -20.30
C THR A 39 -11.09 -2.36 -20.47
N THR A 40 -10.25 -3.36 -20.22
CA THR A 40 -10.68 -4.74 -20.35
C THR A 40 -10.26 -5.49 -19.09
N PRO A 41 -10.91 -6.62 -18.82
CA PRO A 41 -10.47 -7.37 -17.64
C PRO A 41 -9.03 -7.84 -17.75
N VAL A 42 -8.38 -7.95 -16.60
CA VAL A 42 -6.97 -8.33 -16.52
C VAL A 42 -6.75 -9.47 -15.53
N LYS A 43 -5.75 -10.27 -15.81
CA LYS A 43 -5.46 -11.44 -15.01
C LYS A 43 -4.81 -11.01 -13.69
N ALA A 44 -5.32 -11.61 -12.61
CA ALA A 44 -4.94 -11.29 -11.22
C ALA A 44 -4.72 -12.52 -10.37
N PHE A 45 -3.84 -12.40 -9.37
CA PHE A 45 -3.34 -13.58 -8.59
C PHE A 45 -3.36 -13.26 -7.10
N MET A 46 -4.11 -14.03 -6.33
CA MET A 46 -4.19 -13.77 -4.91
C MET A 46 -3.07 -14.45 -4.15
N ILE A 47 -2.02 -13.69 -3.89
CA ILE A 47 -0.84 -14.25 -3.27
C ILE A 47 -0.95 -14.54 -1.79
N THR A 48 -1.84 -13.80 -1.11
CA THR A 48 -2.21 -14.02 0.28
C THR A 48 -3.62 -13.57 0.34
N GLN A 49 -4.43 -14.13 1.24
CA GLN A 49 -5.83 -13.75 1.33
C GLN A 49 -6.08 -12.23 1.27
N ASN A 50 -6.89 -11.84 0.28
CA ASN A 50 -7.32 -10.43 0.08
C ASN A 50 -6.23 -9.52 -0.47
N ILE A 51 -5.13 -10.11 -0.87
CA ILE A 51 -4.01 -9.36 -1.44
C ILE A 51 -3.73 -9.90 -2.83
N TRP A 52 -4.07 -9.10 -3.84
CA TRP A 52 -4.01 -9.52 -5.24
C TRP A 52 -2.94 -8.78 -6.03
N VAL A 53 -2.19 -9.54 -6.81
CA VAL A 53 -1.21 -8.94 -7.72
C VAL A 53 -1.75 -8.94 -9.14
N ILE A 54 -1.64 -7.78 -9.79
CA ILE A 54 -2.20 -7.55 -11.14
C ILE A 54 -1.04 -7.00 -11.98
N PRO A 55 -0.36 -7.85 -12.72
CA PRO A 55 0.84 -7.41 -13.44
C PRO A 55 0.54 -6.55 -14.67
N GLU A 56 0.07 -5.35 -14.42
CA GLU A 56 -0.33 -4.41 -15.50
C GLU A 56 0.11 -3.03 -15.13
N ARG A 57 0.40 -2.21 -16.13
CA ARG A 57 0.64 -0.78 -15.92
C ARG A 57 -0.68 -0.11 -15.51
N PHE A 58 -0.57 1.08 -14.88
CA PHE A 58 -1.69 1.79 -14.35
C PHE A 58 -1.59 3.28 -14.64
N SER A 59 -2.75 3.89 -14.88
CA SER A 59 -2.87 5.34 -14.91
C SER A 59 -4.32 5.69 -14.71
N SER A 60 -4.58 6.64 -13.82
CA SER A 60 -5.94 7.08 -13.59
C SER A 60 -6.22 8.37 -14.38
N ASP A 61 -5.29 8.77 -15.23
CA ASP A 61 -5.47 9.95 -16.07
C ASP A 61 -6.51 9.72 -17.14
N THR A 62 -7.17 10.81 -17.49
CA THR A 62 -8.30 10.76 -18.40
C THR A 62 -7.87 10.32 -19.77
N ASN A 63 -6.77 10.91 -20.24
CA ASN A 63 -6.17 10.53 -21.51
C ASN A 63 -4.78 9.95 -21.22
N PRO A 64 -4.74 8.66 -20.80
CA PRO A 64 -3.52 8.11 -20.24
C PRO A 64 -2.53 7.72 -21.32
N SER A 65 -1.26 7.89 -20.96
CA SER A 65 -0.12 7.65 -21.85
C SER A 65 0.99 7.31 -20.89
N LEU A 66 1.83 6.35 -21.29
CA LEU A 66 3.01 5.95 -20.51
C LEU A 66 4.28 6.65 -20.98
N SER A 67 4.17 7.59 -21.91
CA SER A 67 5.32 8.30 -22.43
C SER A 67 5.73 9.46 -21.50
N LYS A 68 7.00 9.83 -21.54
CA LYS A 68 7.45 10.98 -20.77
C LYS A 68 6.66 12.20 -21.24
N PRO A 69 6.02 12.89 -20.32
CA PRO A 69 5.21 14.04 -20.73
C PRO A 69 6.06 15.29 -21.03
N PRO A 70 5.52 16.23 -21.81
CA PRO A 70 6.21 17.49 -22.14
C PRO A 70 6.12 18.53 -21.00
N ARG A 71 6.55 18.12 -19.82
CA ARG A 71 6.56 18.95 -18.65
C ARG A 71 7.70 18.57 -17.78
N PRO A 72 8.01 19.38 -16.75
CA PRO A 72 9.13 19.09 -15.88
C PRO A 72 9.05 17.68 -15.26
N THR A 73 10.17 17.00 -15.33
CA THR A 73 10.38 15.70 -14.72
C THR A 73 11.75 15.69 -14.00
N SER A 74 11.82 14.90 -12.92
CA SER A 74 13.05 14.77 -12.13
C SER A 74 14.07 13.85 -12.79
N LYS A 75 15.34 14.28 -12.83
CA LYS A 75 16.39 13.37 -13.32
C LYS A 75 16.67 12.21 -12.36
N TYR A 76 16.31 12.40 -11.09
CA TYR A 76 16.62 11.38 -10.06
C TYR A 76 15.41 10.60 -9.59
N GLN A 77 14.24 11.16 -9.75
CA GLN A 77 13.00 10.54 -9.23
C GLN A 77 11.98 10.21 -10.32
N SER A 78 12.38 10.25 -11.60
CA SER A 78 11.46 9.81 -12.65
C SER A 78 12.20 8.94 -13.65
N TYR A 79 11.44 8.00 -14.21
CA TYR A 79 11.91 7.13 -15.28
C TYR A 79 10.71 6.65 -16.09
N TYR A 80 10.82 6.73 -17.40
CA TYR A 80 9.72 6.40 -18.30
C TYR A 80 10.15 5.30 -19.26
N ASP A 81 9.26 4.32 -19.41
CA ASP A 81 9.42 3.29 -20.41
C ASP A 81 8.06 2.69 -20.78
N PRO A 82 7.51 3.17 -21.89
CA PRO A 82 6.18 2.73 -22.22
C PRO A 82 6.05 1.25 -22.50
N SER A 83 7.16 0.56 -22.79
CA SER A 83 7.11 -0.85 -23.16
C SER A 83 7.21 -1.73 -21.92
N TYR A 84 7.58 -1.17 -20.79
CA TYR A 84 7.77 -1.98 -19.62
C TYR A 84 6.43 -2.59 -19.17
N LEU A 85 6.47 -3.88 -18.89
CA LEU A 85 5.29 -4.64 -18.44
C LEU A 85 4.22 -4.83 -19.50
N SER A 86 4.70 -4.92 -20.74
CA SER A 86 3.89 -5.19 -21.91
C SER A 86 3.97 -6.69 -22.34
N THR A 87 5.01 -7.41 -21.90
CA THR A 87 5.17 -8.81 -22.29
C THR A 87 4.85 -9.73 -21.15
N ASP A 88 4.46 -10.94 -21.51
CA ASP A 88 4.11 -11.89 -20.49
C ASP A 88 5.32 -12.26 -19.62
N GLU A 89 6.51 -12.25 -20.25
CA GLU A 89 7.73 -12.53 -19.52
C GLU A 89 7.92 -11.50 -18.41
N GLN A 90 7.71 -10.23 -18.74
CA GLN A 90 7.91 -9.16 -17.80
C GLN A 90 6.86 -9.24 -16.70
N LYS A 91 5.68 -9.73 -17.08
CA LYS A 91 4.57 -9.84 -16.11
C LYS A 91 4.89 -11.01 -15.17
N ASP A 92 5.45 -12.10 -15.68
CA ASP A 92 5.92 -13.20 -14.82
C ASP A 92 6.97 -12.72 -13.83
N THR A 93 7.94 -11.96 -14.34
CA THR A 93 9.01 -11.42 -13.53
C THR A 93 8.45 -10.54 -12.41
N PHE A 94 7.47 -9.71 -12.77
CA PHE A 94 6.79 -8.80 -11.79
C PHE A 94 6.05 -9.59 -10.73
N LEU A 95 5.20 -10.51 -11.17
CA LEU A 95 4.47 -11.38 -10.19
C LEU A 95 5.45 -12.02 -9.18
N LYS A 96 6.51 -12.63 -9.70
CA LYS A 96 7.47 -13.39 -8.87
C LYS A 96 8.24 -12.45 -7.91
N GLY A 97 8.49 -11.22 -8.37
CA GLY A 97 9.09 -10.15 -7.61
C GLY A 97 8.23 -9.79 -6.43
N ILE A 98 6.94 -9.53 -6.66
CA ILE A 98 6.03 -9.18 -5.49
C ILE A 98 5.94 -10.33 -4.53
N ILE A 99 5.78 -11.55 -5.02
CA ILE A 99 5.80 -12.76 -4.19
C ILE A 99 7.01 -12.85 -3.27
N LYS A 100 8.18 -12.65 -3.89
CA LYS A 100 9.41 -12.69 -3.17
C LYS A 100 9.49 -11.61 -2.07
N LEU A 101 9.07 -10.36 -2.39
CA LEU A 101 9.06 -9.30 -1.43
C LEU A 101 8.12 -9.62 -0.27
N PHE A 102 6.97 -10.26 -0.52
CA PHE A 102 6.02 -10.59 0.55
C PHE A 102 6.62 -11.61 1.46
N LYS A 103 7.32 -12.58 0.90
CA LYS A 103 8.04 -13.57 1.74
C LYS A 103 9.11 -12.85 2.57
N ARG A 104 9.74 -11.81 1.99
CA ARG A 104 10.75 -11.04 2.74
C ARG A 104 10.11 -10.17 3.83
N ILE A 105 8.97 -9.58 3.53
CA ILE A 105 8.18 -8.94 4.57
C ILE A 105 7.96 -9.89 5.78
N ASN A 106 7.56 -11.12 5.50
CA ASN A 106 7.30 -12.09 6.57
C ASN A 106 8.51 -12.51 7.40
N GLU A 107 9.71 -12.07 6.99
CA GLU A 107 10.95 -12.37 7.71
C GLU A 107 11.05 -11.77 9.14
N ARG A 108 10.24 -10.75 9.44
CA ARG A 108 10.24 -10.11 10.75
C ARG A 108 8.79 -10.06 11.27
N ASP A 109 8.64 -10.13 12.59
CA ASP A 109 7.30 -10.16 13.11
C ASP A 109 6.55 -8.89 12.81
N ILE A 110 7.23 -7.75 12.73
CA ILE A 110 6.54 -6.50 12.35
C ILE A 110 5.86 -6.58 11.01
N GLY A 111 6.53 -7.18 10.05
CA GLY A 111 5.90 -7.40 8.77
C GLY A 111 4.80 -8.45 8.80
N LYS A 112 5.02 -9.53 9.56
CA LYS A 112 3.95 -10.52 9.67
C LYS A 112 2.68 -9.85 10.17
N LYS A 113 2.83 -8.93 11.14
CA LYS A 113 1.67 -8.22 11.73
C LYS A 113 1.04 -7.22 10.72
N LEU A 114 1.87 -6.53 9.96
CA LEU A 114 1.41 -5.64 8.91
C LEU A 114 0.51 -6.42 7.94
N ILE A 115 1.00 -7.57 7.49
CA ILE A 115 0.29 -8.40 6.51
C ILE A 115 -1.07 -8.80 7.16
N ASN A 116 -1.07 -9.26 8.41
CA ASN A 116 -2.32 -9.62 9.04
C ASN A 116 -3.34 -8.45 9.11
N TYR A 117 -2.89 -7.29 9.48
CA TYR A 117 -3.71 -6.09 9.50
C TYR A 117 -4.33 -5.85 8.14
N LEU A 118 -3.58 -6.05 7.05
CA LEU A 118 -4.17 -5.88 5.74
C LEU A 118 -5.21 -6.94 5.40
N VAL A 119 -4.97 -8.19 5.80
CA VAL A 119 -5.82 -9.27 5.46
C VAL A 119 -7.14 -9.10 6.16
N VAL A 120 -7.08 -8.82 7.44
CA VAL A 120 -8.31 -8.78 8.26
C VAL A 120 -8.98 -7.39 8.21
N GLY A 121 -8.34 -6.43 7.55
CA GLY A 121 -8.72 -5.02 7.50
C GLY A 121 -9.73 -4.66 6.45
N SER A 122 -10.59 -5.59 6.04
CA SER A 122 -11.53 -5.38 4.98
C SER A 122 -12.27 -4.05 5.10
N PRO A 123 -12.43 -3.30 4.01
CA PRO A 123 -13.17 -2.04 4.08
C PRO A 123 -14.66 -2.27 4.46
N PHE A 124 -15.23 -1.33 5.21
CA PHE A 124 -16.60 -1.46 5.65
C PHE A 124 -17.65 -1.49 4.55
N MET A 125 -18.71 -2.26 4.79
CA MET A 125 -19.89 -2.38 3.94
C MET A 125 -20.87 -1.26 4.24
N GLY A 126 -20.51 -0.08 3.77
CA GLY A 126 -21.23 1.16 4.11
C GLY A 126 -20.32 2.37 4.12
N ASP A 127 -20.95 3.55 4.01
CA ASP A 127 -20.30 4.82 4.23
C ASP A 127 -21.25 5.73 4.97
N SER A 128 -20.89 7.00 5.09
CA SER A 128 -21.67 7.90 5.90
C SER A 128 -23.09 8.14 5.35
N SER A 129 -23.32 7.91 4.04
CA SER A 129 -24.64 7.99 3.42
CA SER A 129 -24.68 8.03 3.53
C SER A 129 -25.51 6.77 3.75
N THR A 130 -24.85 5.67 4.11
CA THR A 130 -25.55 4.42 4.44
C THR A 130 -26.35 4.53 5.73
N PRO A 131 -27.63 4.16 5.69
CA PRO A 131 -28.34 4.17 6.98
C PRO A 131 -27.67 3.31 8.05
N GLU A 132 -27.78 3.76 9.28
CA GLU A 132 -27.11 3.13 10.39
C GLU A 132 -27.47 1.67 10.55
N ASP A 133 -28.69 1.31 10.20
CA ASP A 133 -29.17 -0.07 10.35
C ASP A 133 -28.86 -0.98 9.17
N THR A 134 -28.01 -0.54 8.24
CA THR A 134 -27.84 -1.20 6.95
C THR A 134 -26.37 -1.47 6.65
N PHE A 135 -26.06 -2.68 6.17
CA PHE A 135 -24.78 -2.97 5.48
C PHE A 135 -25.08 -2.84 3.97
N ASP A 136 -24.27 -2.06 3.25
CA ASP A 136 -24.33 -2.00 1.80
C ASP A 136 -23.18 -2.80 1.22
N PHE A 137 -23.54 -3.86 0.53
CA PHE A 137 -22.59 -4.76 -0.11
C PHE A 137 -22.29 -4.39 -1.56
N THR A 138 -22.75 -3.21 -2.01
CA THR A 138 -22.78 -2.96 -3.46
C THR A 138 -21.75 -1.94 -3.96
N ARG A 139 -20.87 -1.46 -3.08
CA ARG A 139 -20.01 -0.28 -3.36
C ARG A 139 -18.65 -0.68 -3.94
N HIS A 140 -18.14 0.18 -4.81
CA HIS A 140 -16.82 -0.04 -5.46
C HIS A 140 -15.66 0.24 -4.52
N THR A 141 -15.94 0.79 -3.34
CA THR A 141 -14.93 0.82 -2.26
C THR A 141 -14.58 -0.53 -1.66
N THR A 142 -15.47 -1.50 -1.80
CA THR A 142 -15.24 -2.84 -1.33
C THR A 142 -15.20 -3.87 -2.43
N ASN A 143 -15.83 -3.60 -3.57
CA ASN A 143 -16.02 -4.69 -4.55
C ASN A 143 -15.19 -4.47 -5.79
N ILE A 144 -14.62 -5.55 -6.29
CA ILE A 144 -14.06 -5.60 -7.68
C ILE A 144 -14.77 -6.70 -8.45
N ALA A 145 -15.12 -6.43 -9.71
CA ALA A 145 -15.82 -7.40 -10.54
C ALA A 145 -14.90 -8.47 -11.14
N VAL A 146 -15.39 -9.70 -11.08
CA VAL A 146 -14.79 -10.86 -11.69
C VAL A 146 -15.52 -11.10 -13.00
N GLU A 147 -14.73 -11.25 -14.05
CA GLU A 147 -15.30 -11.40 -15.37
C GLU A 147 -14.84 -12.68 -16.02
N LYS A 148 -15.62 -13.19 -16.97
CA LYS A 148 -15.24 -14.35 -17.73
C LYS A 148 -15.52 -14.02 -19.19
N PHE A 149 -14.70 -14.58 -20.05
CA PHE A 149 -14.84 -14.42 -21.48
C PHE A 149 -15.61 -15.66 -21.96
N GLU A 150 -16.86 -15.48 -22.39
CA GLU A 150 -17.76 -16.55 -22.77
C GLU A 150 -18.33 -16.24 -24.17
N ASN A 151 -18.25 -17.21 -25.11
CA ASN A 151 -18.78 -17.01 -26.45
C ASN A 151 -18.31 -15.68 -27.08
N GLY A 152 -17.05 -15.34 -26.91
CA GLY A 152 -16.47 -14.20 -27.62
C GLY A 152 -16.51 -12.83 -26.96
N SER A 153 -17.06 -12.74 -25.76
CA SER A 153 -17.09 -11.45 -25.05
CA SER A 153 -17.09 -11.45 -25.05
C SER A 153 -16.98 -11.65 -23.55
N TRP A 154 -16.62 -10.58 -22.88
CA TRP A 154 -16.46 -10.52 -21.43
C TRP A 154 -17.76 -10.23 -20.73
N LYS A 155 -17.98 -10.93 -19.63
CA LYS A 155 -19.10 -10.61 -18.83
C LYS A 155 -18.75 -10.77 -17.38
N VAL A 156 -19.41 -9.94 -16.58
CA VAL A 156 -19.28 -9.98 -15.12
C VAL A 156 -20.04 -11.19 -14.60
N THR A 157 -19.35 -11.96 -13.76
CA THR A 157 -19.86 -13.17 -13.18
C THR A 157 -19.92 -13.17 -11.64
N ASN A 158 -19.13 -12.32 -11.00
CA ASN A 158 -19.08 -12.30 -9.54
C ASN A 158 -18.34 -11.09 -9.06
N ILE A 159 -18.20 -10.97 -7.73
CA ILE A 159 -17.33 -9.95 -7.19
C ILE A 159 -16.37 -10.58 -6.22
N ILE A 160 -15.21 -9.94 -6.05
CA ILE A 160 -14.37 -10.17 -4.86
C ILE A 160 -14.35 -8.94 -3.97
N THR A 161 -14.00 -9.14 -2.70
CA THR A 161 -13.85 -8.04 -1.77
C THR A 161 -12.44 -7.99 -1.23
N PRO A 162 -11.50 -7.45 -2.01
CA PRO A 162 -10.13 -7.45 -1.62
C PRO A 162 -9.79 -6.35 -0.62
N SER A 163 -8.58 -6.47 -0.07
CA SER A 163 -7.98 -5.44 0.72
C SER A 163 -7.01 -4.57 -0.11
N VAL A 164 -6.16 -5.22 -0.86
CA VAL A 164 -5.10 -4.52 -1.58
C VAL A 164 -4.98 -5.13 -2.97
N LEU A 165 -4.96 -4.27 -3.99
CA LEU A 165 -4.58 -4.63 -5.36
C LEU A 165 -3.22 -4.02 -5.67
N ILE A 166 -2.31 -4.86 -6.16
CA ILE A 166 -0.92 -4.44 -6.46
C ILE A 166 -0.70 -4.44 -7.94
N PHE A 167 -0.74 -3.24 -8.53
CA PHE A 167 -0.45 -3.06 -9.94
C PHE A 167 1.03 -2.85 -10.15
N GLY A 168 1.44 -2.95 -11.41
CA GLY A 168 2.69 -2.44 -11.83
C GLY A 168 2.65 -0.92 -11.97
N PRO A 169 3.71 -0.33 -12.51
CA PRO A 169 3.82 1.10 -12.30
C PRO A 169 2.96 2.08 -13.08
N LEU A 170 2.91 3.31 -12.54
CA LEU A 170 2.44 4.46 -13.26
C LEU A 170 3.37 4.81 -14.44
N PRO A 171 3.01 5.83 -15.24
CA PRO A 171 3.93 6.26 -16.32
C PRO A 171 5.35 6.55 -15.78
N ASN A 172 5.43 7.22 -14.62
CA ASN A 172 6.67 7.41 -13.90
C ASN A 172 6.92 6.14 -13.09
N ILE A 173 7.83 5.32 -13.60
CA ILE A 173 8.05 3.97 -12.98
C ILE A 173 8.63 4.07 -11.56
N LEU A 174 9.22 5.22 -11.23
CA LEU A 174 9.80 5.45 -9.87
C LEU A 174 8.89 5.98 -8.79
N ASP A 175 7.66 6.31 -9.19
N ASP A 175 7.68 6.35 -9.18
CA ASP A 175 6.70 7.00 -8.34
CA ASP A 175 6.73 6.83 -8.21
C ASP A 175 5.88 6.07 -7.45
C ASP A 175 5.97 5.63 -7.58
N TYR A 176 6.25 5.99 -6.17
N TYR A 176 6.70 4.80 -6.85
CA TYR A 176 5.52 5.17 -5.19
CA TYR A 176 6.08 3.70 -6.09
C TYR A 176 4.61 6.04 -4.30
C TYR A 176 4.95 4.42 -5.35
N THR A 177 4.79 7.36 -4.34
N THR A 177 3.70 3.96 -5.49
CA THR A 177 4.03 8.25 -3.47
CA THR A 177 2.60 4.82 -5.03
C THR A 177 2.54 7.93 -3.44
C THR A 177 1.36 4.05 -4.60
N ALA A 178 1.90 8.31 -2.34
N ALA A 178 0.58 4.67 -3.71
CA ALA A 178 0.45 8.20 -2.20
CA ALA A 178 -0.62 4.08 -3.17
C ALA A 178 -0.28 8.97 -3.32
C ALA A 178 -1.88 4.90 -3.50
N SER A 179 -1.26 8.33 -3.94
N SER A 179 -1.87 5.63 -4.61
CA SER A 179 -2.07 8.95 -5.01
CA SER A 179 -3.03 6.46 -4.95
C SER A 179 -2.89 10.13 -4.47
C SER A 179 -2.87 7.81 -4.25
N LEU A 180 -3.00 11.22 -5.24
N LEU A 180 -1.63 8.24 -4.09
CA LEU A 180 -3.76 12.40 -4.80
CA LEU A 180 -1.34 9.26 -3.10
C LEU A 180 -5.25 12.07 -4.72
C LEU A 180 -1.69 10.68 -3.52
N THR A 181 -5.76 11.77 -3.53
N THR A 181 -2.72 10.76 -4.37
CA THR A 181 -7.16 11.33 -3.39
CA THR A 181 -3.57 11.95 -4.46
C THR A 181 -7.96 11.68 -4.65
C THR A 181 -5.03 11.50 -4.46
N LEU A 182 -5.93 12.43 -4.13
CA LEU A 182 -7.37 12.15 -4.12
C LEU A 182 -8.18 13.40 -4.47
N GLN A 186 -16.85 15.74 0.86
CA GLN A 186 -17.91 15.05 0.12
C GLN A 186 -18.30 13.76 0.86
N SER A 187 -17.84 12.62 0.34
CA SER A 187 -17.72 11.37 1.10
C SER A 187 -16.32 10.85 0.90
N ASN A 188 -15.62 10.63 2.00
CA ASN A 188 -14.27 10.11 1.97
C ASN A 188 -14.11 8.95 2.92
N PRO A 189 -14.55 7.76 2.49
CA PRO A 189 -14.47 6.64 3.43
C PRO A 189 -13.06 6.33 3.94
N SER A 190 -12.03 6.60 3.15
CA SER A 190 -10.68 6.30 3.59
C SER A 190 -10.21 7.20 4.76
N PHE A 191 -10.97 8.28 5.03
CA PHE A 191 -10.68 9.20 6.14
C PHE A 191 -11.79 9.15 7.20
N GLU A 192 -12.77 8.24 7.08
CA GLU A 192 -13.91 8.22 8.00
C GLU A 192 -14.12 6.88 8.68
N GLY A 193 -13.05 6.15 8.92
CA GLY A 193 -13.10 4.86 9.61
C GLY A 193 -13.52 3.65 8.83
N PHE A 194 -14.39 3.87 7.82
CA PHE A 194 -14.93 2.80 7.01
C PHE A 194 -13.82 2.09 6.25
N GLY A 195 -12.94 2.92 5.70
CA GLY A 195 -11.90 2.47 4.85
C GLY A 195 -12.38 2.18 3.42
N THR A 196 -11.40 1.90 2.60
CA THR A 196 -11.55 1.57 1.14
C THR A 196 -10.41 0.62 0.78
N LEU A 197 -10.65 -0.18 -0.27
CA LEU A 197 -9.64 -1.13 -0.78
C LEU A 197 -8.57 -0.23 -1.33
N SER A 198 -7.34 -0.76 -1.36
CA SER A 198 -6.19 0.02 -1.70
C SER A 198 -5.59 -0.48 -2.99
N ILE A 199 -5.27 0.47 -3.85
CA ILE A 199 -4.66 0.12 -5.09
C ILE A 199 -3.24 0.70 -5.07
N LEU A 200 -2.27 -0.19 -5.22
CA LEU A 200 -0.83 0.16 -5.28
C LEU A 200 -0.30 0.04 -6.69
N LYS A 201 0.72 0.83 -6.96
CA LYS A 201 1.41 0.84 -8.23
C LYS A 201 2.93 0.85 -7.96
N VAL A 202 3.54 -0.30 -8.18
CA VAL A 202 4.90 -0.50 -7.80
C VAL A 202 5.74 -1.16 -8.89
N ALA A 203 7.05 -1.18 -8.65
CA ALA A 203 8.02 -1.58 -9.71
C ALA A 203 9.26 -2.01 -9.00
N PRO A 204 9.27 -3.27 -8.53
CA PRO A 204 10.30 -3.64 -7.58
C PRO A 204 11.71 -3.73 -8.08
N GLU A 205 11.97 -3.72 -9.39
CA GLU A 205 13.35 -3.72 -9.90
C GLU A 205 13.98 -2.35 -10.13
N PHE A 206 13.15 -1.32 -10.02
CA PHE A 206 13.49 0.07 -10.25
C PHE A 206 13.60 0.78 -8.92
N LEU A 207 14.80 1.26 -8.61
CA LEU A 207 15.13 1.64 -7.25
C LEU A 207 15.68 3.08 -7.21
N LEU A 208 15.13 3.82 -6.27
CA LEU A 208 15.66 5.12 -5.91
C LEU A 208 16.91 4.97 -5.04
N THR A 209 17.70 6.03 -5.05
CA THR A 209 18.94 6.08 -4.33
C THR A 209 19.01 7.31 -3.43
N PHE A 210 19.85 7.25 -2.41
CA PHE A 210 19.98 8.30 -1.41
C PHE A 210 21.39 8.30 -0.89
N SER A 211 21.76 9.31 -0.11
CA SER A 211 23.08 9.37 0.48
C SER A 211 23.06 9.31 2.01
N ASP A 212 24.03 8.62 2.60
CA ASP A 212 24.07 8.52 4.07
C ASP A 212 24.82 9.67 4.75
N VAL A 213 25.09 10.75 4.03
CA VAL A 213 25.89 11.88 4.58
C VAL A 213 25.15 12.79 5.57
N GLY A 223 30.44 10.28 -3.52
CA GLY A 223 30.03 9.15 -4.38
C GLY A 223 29.93 7.81 -3.66
N LYS A 224 30.86 7.57 -2.74
CA LYS A 224 30.86 6.35 -1.93
C LYS A 224 29.69 6.28 -0.92
N SER A 225 28.97 7.39 -0.72
CA SER A 225 27.93 7.44 0.29
C SER A 225 26.55 7.15 -0.32
N ILE A 226 26.50 6.70 -1.58
CA ILE A 226 25.18 6.51 -2.26
C ILE A 226 24.73 5.04 -2.28
N PHE A 227 23.47 4.85 -1.82
CA PHE A 227 22.86 3.57 -1.59
C PHE A 227 21.46 3.52 -2.21
N CYS A 228 21.04 2.32 -2.57
CA CYS A 228 19.71 2.09 -3.12
C CYS A 228 18.77 1.74 -2.00
N MET A 229 17.53 2.11 -2.23
CA MET A 229 16.44 1.74 -1.36
C MET A 229 16.18 0.24 -1.57
N ASP A 230 16.01 -0.52 -0.49
CA ASP A 230 15.64 -1.93 -0.65
C ASP A 230 14.17 -1.95 -1.08
N PRO A 231 13.84 -2.65 -2.20
CA PRO A 231 12.48 -2.64 -2.64
C PRO A 231 11.45 -3.14 -1.61
N VAL A 232 11.87 -3.98 -0.64
CA VAL A 232 10.92 -4.38 0.40
C VAL A 232 10.48 -3.18 1.25
N ILE A 233 11.38 -2.23 1.44
CA ILE A 233 11.07 -1.01 2.22
C ILE A 233 10.10 -0.15 1.44
N ALA A 234 10.34 0.01 0.15
CA ALA A 234 9.42 0.74 -0.71
C ALA A 234 8.03 0.09 -0.70
N LEU A 235 7.98 -1.23 -0.83
CA LEU A 235 6.72 -1.93 -0.85
C LEU A 235 5.98 -1.74 0.47
N MET A 236 6.72 -1.93 1.56
CA MET A 236 6.14 -1.78 2.89
C MET A 236 5.64 -0.35 3.13
N HIS A 237 6.34 0.65 2.61
CA HIS A 237 5.85 2.04 2.68
C HIS A 237 4.47 2.14 2.03
N GLU A 238 4.37 1.67 0.78
CA GLU A 238 3.11 1.62 0.08
C GLU A 238 2.01 0.86 0.83
N LEU A 239 2.35 -0.30 1.38
CA LEU A 239 1.37 -1.11 2.13
C LEU A 239 0.97 -0.43 3.42
N THR A 240 1.82 0.47 3.90
CA THR A 240 1.47 1.32 5.10
C THR A 240 0.43 2.35 4.71
N HIS A 241 0.52 2.92 3.51
CA HIS A 241 -0.59 3.69 2.94
C HIS A 241 -1.84 2.84 2.84
N SER A 242 -1.69 1.60 2.37
CA SER A 242 -2.85 0.72 2.28
C SER A 242 -3.49 0.53 3.63
N LEU A 243 -2.65 0.33 4.62
CA LEU A 243 -3.10 0.20 6.01
C LEU A 243 -3.96 1.37 6.41
N HIS A 244 -3.46 2.55 6.13
CA HIS A 244 -4.21 3.76 6.53
C HIS A 244 -5.56 3.82 5.79
N GLN A 245 -5.52 3.58 4.47
CA GLN A 245 -6.74 3.56 3.67
C GLN A 245 -7.74 2.53 4.19
N LEU A 246 -7.25 1.33 4.51
CA LEU A 246 -8.17 0.23 4.88
C LEU A 246 -8.85 0.51 6.20
N TYR A 247 -8.09 1.10 7.11
CA TYR A 247 -8.57 1.38 8.49
C TYR A 247 -9.22 2.77 8.62
N GLY A 248 -9.42 3.42 7.49
CA GLY A 248 -10.09 4.70 7.37
C GLY A 248 -9.44 5.85 8.10
N ILE A 249 -8.11 5.91 8.06
CA ILE A 249 -7.37 7.01 8.71
C ILE A 249 -6.36 7.69 7.76
N ASN A 250 -6.57 7.52 6.45
CA ASN A 250 -5.71 8.10 5.46
C ASN A 250 -5.97 9.60 5.43
N ILE A 251 -4.95 10.39 5.73
CA ILE A 251 -5.07 11.84 5.81
C ILE A 251 -5.06 12.42 4.38
N PRO A 252 -6.09 13.20 4.03
CA PRO A 252 -6.26 13.84 2.72
C PRO A 252 -5.01 14.55 2.20
N SER A 253 -4.69 14.36 0.91
CA SER A 253 -3.47 14.91 0.33
C SER A 253 -3.42 16.47 0.40
N ASP A 254 -4.60 17.07 0.55
CA ASP A 254 -4.83 18.46 1.05
C ASP A 254 -3.86 18.93 2.11
N LYS A 255 -3.76 18.10 3.15
CA LYS A 255 -3.10 18.46 4.41
C LYS A 255 -1.61 18.30 4.32
N ARG A 256 -0.90 19.43 4.36
CA ARG A 256 0.55 19.45 4.18
C ARG A 256 1.20 20.42 5.13
N ILE A 257 2.51 20.25 5.26
CA ILE A 257 3.34 21.08 6.12
C ILE A 257 4.75 21.10 5.55
N ARG A 258 5.40 22.25 5.66
CA ARG A 258 6.78 22.40 5.22
C ARG A 258 7.69 22.07 6.40
N PRO A 259 8.59 21.08 6.23
CA PRO A 259 9.48 20.61 7.32
C PRO A 259 10.80 21.40 7.42
N GLN A 260 10.66 22.72 7.39
CA GLN A 260 11.78 23.65 7.35
C GLN A 260 11.78 24.42 8.66
N VAL A 261 11.39 25.71 8.62
CA VAL A 261 11.06 26.45 7.40
C VAL A 261 11.55 27.89 7.51
N SER A 262 10.75 28.71 8.20
CA SER A 262 10.85 30.17 8.16
C SER A 262 11.21 30.69 9.55
N GLU A 263 12.50 30.78 9.83
CA GLU A 263 13.52 30.73 8.79
C GLU A 263 13.86 32.17 8.41
N GLY A 264 12.94 33.08 8.73
CA GLY A 264 13.21 34.51 8.68
C GLY A 264 13.06 35.17 7.32
N PHE A 265 13.95 36.11 7.06
CA PHE A 265 13.78 37.11 6.03
C PHE A 265 13.83 36.46 4.63
N PHE A 266 14.71 35.47 4.48
CA PHE A 266 14.85 34.74 3.21
C PHE A 266 14.16 33.38 3.22
N SER A 267 13.02 33.29 3.89
CA SER A 267 12.08 32.19 3.64
C SER A 267 11.74 32.29 2.12
N GLN A 268 11.20 31.24 1.48
CA GLN A 268 10.35 30.26 2.13
C GLN A 268 10.57 28.81 1.77
N ASP A 269 9.45 28.13 1.58
CA ASP A 269 9.39 26.70 1.83
C ASP A 269 10.06 25.79 0.81
N GLY A 270 10.63 24.70 1.33
CA GLY A 270 10.96 23.57 0.49
C GLY A 270 9.67 22.92 0.00
N PRO A 271 9.63 21.60 -0.09
CA PRO A 271 8.39 20.97 -0.51
C PRO A 271 7.31 21.06 0.58
N ASN A 272 6.06 21.12 0.16
CA ASN A 272 4.93 21.00 1.10
C ASN A 272 4.72 19.50 1.19
N VAL A 273 5.02 18.90 2.33
CA VAL A 273 4.95 17.43 2.44
C VAL A 273 3.62 17.04 3.05
N GLN A 274 2.98 16.01 2.47
CA GLN A 274 1.71 15.51 2.98
C GLN A 274 1.86 14.94 4.36
N PHE A 275 0.89 15.25 5.21
CA PHE A 275 0.81 14.61 6.52
C PHE A 275 0.89 13.08 6.37
N GLU A 276 0.14 12.57 5.40
CA GLU A 276 0.07 11.14 5.13
C GLU A 276 1.46 10.53 4.90
N GLU A 277 2.27 11.22 4.14
CA GLU A 277 3.66 10.80 3.95
C GLU A 277 4.53 10.88 5.20
N LEU A 278 4.39 11.97 5.97
CA LEU A 278 5.20 12.06 7.19
C LEU A 278 4.84 10.93 8.14
N TYR A 279 3.55 10.64 8.29
CA TYR A 279 3.11 9.57 9.16
C TYR A 279 3.60 8.23 8.70
N THR A 280 3.52 8.01 7.41
CA THR A 280 4.02 6.73 6.85
C THR A 280 5.54 6.53 6.97
N PHE A 281 6.33 7.58 6.73
CA PHE A 281 7.78 7.52 6.96
C PHE A 281 8.11 7.34 8.46
N GLY A 282 7.47 8.14 9.27
CA GLY A 282 7.64 8.06 10.74
C GLY A 282 8.82 8.82 11.30
N GLY A 283 9.12 8.49 12.56
CA GLY A 283 10.19 9.11 13.29
C GLY A 283 9.90 10.53 13.71
N LEU A 284 10.97 11.25 13.93
CA LEU A 284 10.90 12.51 14.64
C LEU A 284 10.33 13.60 13.75
N ASP A 285 10.40 13.41 12.44
CA ASP A 285 9.82 14.38 11.54
C ASP A 285 8.31 14.47 11.69
N VAL A 286 7.65 13.41 12.13
CA VAL A 286 6.21 13.48 12.38
C VAL A 286 5.88 14.68 13.27
N GLU A 287 6.77 14.96 14.21
CA GLU A 287 6.58 16.07 15.15
C GLU A 287 6.69 17.47 14.54
N ILE A 288 7.12 17.55 13.28
CA ILE A 288 6.92 18.76 12.47
C ILE A 288 5.45 19.17 12.49
N ILE A 289 4.54 18.19 12.41
CA ILE A 289 3.10 18.48 12.48
C ILE A 289 2.75 18.87 13.93
N PRO A 290 2.06 20.01 14.15
CA PRO A 290 1.76 20.36 15.53
C PRO A 290 0.98 19.31 16.29
N GLN A 291 1.27 19.22 17.59
CA GLN A 291 0.67 18.19 18.44
C GLN A 291 -0.85 18.31 18.50
N ILE A 292 -1.36 19.53 18.51
CA ILE A 292 -2.81 19.70 18.45
C ILE A 292 -3.44 19.07 17.17
N GLU A 293 -2.79 19.23 16.02
CA GLU A 293 -3.31 18.67 14.77
C GLU A 293 -3.24 17.16 14.80
N ARG A 294 -2.16 16.64 15.39
CA ARG A 294 -2.01 15.19 15.51
C ARG A 294 -3.04 14.60 16.47
N SER A 295 -3.28 15.27 17.59
CA SER A 295 -4.36 14.88 18.52
C SER A 295 -5.76 14.93 17.87
N GLN A 296 -6.01 15.96 17.07
CA GLN A 296 -7.27 16.10 16.31
C GLN A 296 -7.43 14.92 15.32
N LEU A 297 -6.37 14.51 14.63
CA LEU A 297 -6.47 13.33 13.74
C LEU A 297 -6.85 12.01 14.45
N ARG A 298 -6.25 11.79 15.63
CA ARG A 298 -6.63 10.69 16.50
C ARG A 298 -8.07 10.76 17.03
N GLU A 299 -8.49 11.87 17.61
CA GLU A 299 -9.87 11.91 18.09
C GLU A 299 -10.87 11.78 16.93
N LYS A 300 -10.52 12.24 15.73
CA LYS A 300 -11.37 12.02 14.56
C LYS A 300 -11.58 10.53 14.34
N ALA A 301 -10.48 9.79 14.20
CA ALA A 301 -10.52 8.33 14.09
C ALA A 301 -11.37 7.64 15.18
N LEU A 302 -11.11 8.01 16.41
CA LEU A 302 -11.87 7.49 17.57
C LEU A 302 -13.37 7.69 17.34
N GLY A 303 -13.75 8.88 16.91
CA GLY A 303 -15.17 9.17 16.67
C GLY A 303 -15.78 8.28 15.59
N HIS A 304 -15.01 8.04 14.54
CA HIS A 304 -15.46 7.21 13.46
C HIS A 304 -15.60 5.77 13.86
N TYR A 305 -14.65 5.30 14.67
CA TYR A 305 -14.67 3.93 15.15
C TYR A 305 -15.86 3.65 16.05
N LYS A 306 -16.16 4.61 16.93
CA LYS A 306 -17.35 4.59 17.76
C LYS A 306 -18.61 4.61 16.93
N ASP A 307 -18.64 5.42 15.88
CA ASP A 307 -19.76 5.38 14.91
C ASP A 307 -20.03 3.97 14.40
N ILE A 308 -18.94 3.29 13.98
CA ILE A 308 -19.04 1.96 13.42
C ILE A 308 -19.46 0.91 14.39
N ALA A 309 -18.97 1.00 15.62
CA ALA A 309 -19.54 0.18 16.73
C ALA A 309 -21.05 0.29 16.84
N LYS A 310 -21.56 1.52 16.84
CA LYS A 310 -23.01 1.74 16.88
C LYS A 310 -23.72 1.07 15.74
N ARG A 311 -23.14 1.21 14.54
CA ARG A 311 -23.73 0.62 13.35
C ARG A 311 -23.87 -0.89 13.52
N LEU A 312 -22.80 -1.58 13.91
CA LEU A 312 -22.84 -3.03 14.13
C LEU A 312 -23.97 -3.38 15.13
N ASN A 313 -24.19 -2.54 16.09
CA ASN A 313 -25.24 -2.80 17.08
C ASN A 313 -26.64 -2.67 16.53
N ASN A 314 -26.78 -1.91 15.45
CA ASN A 314 -28.06 -1.58 14.92
C ASN A 314 -28.40 -2.19 13.58
N ILE A 315 -27.48 -2.93 12.96
CA ILE A 315 -27.73 -3.39 11.59
C ILE A 315 -28.78 -4.51 11.62
N ASN A 316 -29.85 -4.31 10.85
CA ASN A 316 -30.82 -5.36 10.66
C ASN A 316 -31.31 -5.57 9.23
N LYS A 317 -30.63 -4.95 8.25
CA LYS A 317 -31.06 -5.03 6.86
C LYS A 317 -29.85 -4.76 6.00
N THR A 318 -29.98 -5.09 4.73
CA THR A 318 -28.84 -5.03 3.82
C THR A 318 -29.23 -4.42 2.47
N ILE A 319 -28.20 -4.09 1.68
CA ILE A 319 -28.33 -3.81 0.25
C ILE A 319 -27.34 -4.74 -0.48
N PRO A 320 -27.84 -5.63 -1.37
CA PRO A 320 -29.24 -5.90 -1.71
C PRO A 320 -30.04 -6.43 -0.56
N SER A 321 -31.36 -6.27 -0.66
CA SER A 321 -32.26 -6.53 0.49
C SER A 321 -32.17 -8.01 0.93
N SER A 322 -31.88 -8.87 -0.04
CA SER A 322 -31.87 -10.31 0.15
C SER A 322 -30.59 -10.90 0.76
N TRP A 323 -29.59 -10.06 1.00
CA TRP A 323 -28.28 -10.51 1.48
C TRP A 323 -28.20 -10.56 2.99
N ILE A 324 -29.38 -10.56 3.66
CA ILE A 324 -29.45 -10.55 5.13
C ILE A 324 -28.71 -11.68 5.84
N SER A 325 -28.46 -12.78 5.15
CA SER A 325 -27.80 -13.87 5.86
C SER A 325 -26.32 -13.57 6.07
N ASN A 326 -25.80 -12.51 5.43
CA ASN A 326 -24.44 -12.05 5.64
C ASN A 326 -24.25 -11.08 6.79
N ILE A 327 -25.31 -10.72 7.51
CA ILE A 327 -25.15 -9.75 8.58
C ILE A 327 -24.21 -10.25 9.68
N ASP A 328 -24.46 -11.45 10.17
CA ASP A 328 -23.67 -11.95 11.31
C ASP A 328 -22.18 -12.19 10.91
N LYS A 329 -21.98 -12.60 9.69
CA LYS A 329 -20.63 -12.88 9.20
C LYS A 329 -19.80 -11.60 9.29
N TYR A 330 -20.43 -10.49 8.89
CA TYR A 330 -19.73 -9.21 8.77
C TYR A 330 -19.68 -8.46 10.11
N LYS A 331 -20.65 -8.68 10.99
CA LYS A 331 -20.52 -8.10 12.30
C LYS A 331 -19.26 -8.67 12.98
N LYS A 332 -18.96 -9.94 12.74
CA LYS A 332 -17.81 -10.56 13.31
C LYS A 332 -16.55 -10.04 12.60
N ILE A 333 -16.56 -9.99 11.26
CA ILE A 333 -15.38 -9.45 10.55
C ILE A 333 -15.02 -8.03 11.04
N PHE A 334 -16.00 -7.13 11.14
CA PHE A 334 -15.68 -5.76 11.45
C PHE A 334 -15.40 -5.56 12.93
N SER A 335 -16.14 -6.23 13.81
CA SER A 335 -15.83 -6.10 15.24
C SER A 335 -14.36 -6.57 15.56
N GLU A 336 -13.89 -7.56 14.83
CA GLU A 336 -12.50 -8.01 14.94
C GLU A 336 -11.53 -7.05 14.30
N LYS A 337 -11.88 -6.54 13.14
CA LYS A 337 -11.00 -5.57 12.50
C LYS A 337 -10.72 -4.38 13.40
N TYR A 338 -11.79 -3.80 14.00
CA TYR A 338 -11.68 -2.57 14.76
C TYR A 338 -11.34 -2.83 16.24
N ASN A 339 -11.22 -4.09 16.63
CA ASN A 339 -10.81 -4.44 18.00
C ASN A 339 -11.85 -4.02 19.06
N PHE A 340 -13.12 -4.11 18.72
CA PHE A 340 -14.20 -3.76 19.67
C PHE A 340 -14.35 -4.78 20.79
N ASP A 341 -14.87 -4.33 21.91
CA ASP A 341 -15.28 -5.23 22.98
C ASP A 341 -16.78 -5.38 22.91
N LYS A 342 -17.32 -6.31 23.68
CA LYS A 342 -18.75 -6.31 24.06
C LYS A 342 -18.78 -5.71 25.48
N ASP A 343 -19.98 -4.95 25.71
CA ASP A 343 -20.41 -4.64 27.07
C ASP A 343 -21.30 -5.75 27.64
N ASN A 344 -21.83 -5.51 28.83
CA ASN A 344 -22.62 -6.52 29.52
C ASN A 344 -23.96 -6.77 28.84
N THR A 345 -24.32 -5.89 27.91
CA THR A 345 -25.60 -5.98 27.21
C THR A 345 -25.42 -6.59 25.82
N GLY A 346 -24.18 -6.95 25.49
CA GLY A 346 -23.90 -7.65 24.25
C GLY A 346 -23.71 -6.70 23.08
N ASN A 347 -23.61 -5.43 23.39
CA ASN A 347 -23.33 -4.39 22.42
C ASN A 347 -21.84 -4.23 22.21
N PHE A 348 -21.42 -4.06 20.97
CA PHE A 348 -20.05 -3.70 20.71
C PHE A 348 -19.77 -2.26 21.19
N VAL A 349 -18.60 -2.09 21.80
CA VAL A 349 -18.10 -0.82 22.32
C VAL A 349 -16.64 -0.65 21.99
N VAL A 350 -16.22 0.60 21.89
CA VAL A 350 -14.80 0.92 21.65
C VAL A 350 -14.14 0.89 23.02
N ASN A 351 -13.21 -0.04 23.23
CA ASN A 351 -12.40 -0.04 24.45
C ASN A 351 -11.27 0.94 24.15
N ILE A 352 -11.18 2.01 24.93
CA ILE A 352 -10.22 3.07 24.55
C ILE A 352 -8.73 2.59 24.54
N ASP A 353 -8.38 1.69 25.46
CA ASP A 353 -7.04 1.10 25.46
C ASP A 353 -6.73 0.30 24.22
N LYS A 354 -7.69 -0.52 23.81
CA LYS A 354 -7.56 -1.27 22.55
C LYS A 354 -7.55 -0.34 21.36
N PHE A 355 -8.35 0.73 21.40
CA PHE A 355 -8.28 1.73 20.33
C PHE A 355 -6.90 2.35 20.32
N ASN A 356 -6.39 2.75 21.47
CA ASN A 356 -5.06 3.37 21.49
C ASN A 356 -3.96 2.49 20.96
N SER A 357 -4.00 1.22 21.29
CA SER A 357 -3.02 0.28 20.76
C SER A 357 -3.11 0.10 19.25
N LEU A 358 -4.31 -0.12 18.73
CA LEU A 358 -4.49 -0.25 17.27
C LEU A 358 -4.04 1.04 16.61
N TYR A 359 -4.48 2.19 17.07
CA TYR A 359 -4.17 3.45 16.39
C TYR A 359 -2.64 3.74 16.37
N SER A 360 -2.02 3.44 17.49
CA SER A 360 -0.58 3.59 17.61
C SER A 360 0.19 2.62 16.71
N ASP A 361 -0.30 1.38 16.58
CA ASP A 361 0.30 0.43 15.61
C ASP A 361 0.17 0.99 14.23
N LEU A 362 -1.06 1.39 13.88
CA LEU A 362 -1.32 1.85 12.52
C LEU A 362 -0.54 3.10 12.13
N THR A 363 -0.28 3.97 13.08
CA THR A 363 0.30 5.31 12.76
C THR A 363 1.68 5.59 13.31
N ASN A 364 2.31 4.63 13.97
CA ASN A 364 3.61 4.80 14.61
C ASN A 364 4.47 3.54 14.43
N VAL A 365 3.99 2.40 14.92
CA VAL A 365 4.80 1.18 14.83
C VAL A 365 5.00 0.83 13.34
N MET A 366 3.92 0.87 12.59
CA MET A 366 3.99 0.59 11.13
C MET A 366 4.41 1.88 10.43
N SER A 367 5.74 2.10 10.32
CA SER A 367 6.32 3.26 9.66
C SER A 367 7.69 2.85 9.10
N GLU A 368 8.07 3.51 8.02
CA GLU A 368 9.29 3.21 7.31
C GLU A 368 10.57 3.18 8.14
N VAL A 369 10.78 4.16 9.00
CA VAL A 369 11.99 4.15 9.84
C VAL A 369 12.04 2.95 10.79
N VAL A 370 10.88 2.44 11.19
CA VAL A 370 10.84 1.26 12.05
C VAL A 370 11.20 0.04 11.19
N TYR A 371 10.71 -0.02 9.95
CA TYR A 371 11.05 -1.13 9.08
C TYR A 371 12.58 -1.17 8.76
N SER A 372 13.14 0.01 8.55
CA SER A 372 14.53 0.13 8.17
CA SER A 372 14.57 0.15 8.19
C SER A 372 15.39 -0.47 9.31
N SER A 373 14.96 -0.19 10.55
CA SER A 373 15.63 -0.71 11.73
C SER A 373 15.45 -2.23 11.81
N GLN A 374 14.23 -2.68 11.58
CA GLN A 374 13.88 -4.07 11.84
C GLN A 374 14.44 -5.06 10.82
N TYR A 375 14.65 -4.59 9.60
CA TYR A 375 15.12 -5.40 8.46
C TYR A 375 16.63 -5.31 8.16
N ASN A 376 17.38 -4.57 8.96
CA ASN A 376 18.82 -4.44 8.76
C ASN A 376 19.15 -3.95 7.37
N VAL A 377 18.53 -2.85 7.00
CA VAL A 377 18.73 -2.24 5.70
C VAL A 377 19.12 -0.78 5.92
N LYS A 378 19.94 -0.24 5.04
CA LYS A 378 20.21 1.17 4.99
C LYS A 378 18.99 1.86 4.38
N ASN A 379 18.64 3.02 4.89
CA ASN A 379 17.53 3.75 4.32
C ASN A 379 17.79 5.22 4.47
N ARG A 380 17.05 6.01 3.70
CA ARG A 380 17.08 7.46 3.76
CA ARG A 380 17.23 7.45 3.80
C ARG A 380 16.80 7.91 5.18
N THR A 381 17.35 9.03 5.52
CA THR A 381 17.26 9.62 6.85
C THR A 381 15.93 10.27 7.11
N HIS A 382 15.46 11.05 6.12
CA HIS A 382 14.16 11.73 6.14
C HIS A 382 13.36 11.45 4.88
N TYR A 383 12.04 11.61 5.00
CA TYR A 383 11.15 11.42 3.86
C TYR A 383 11.62 12.34 2.71
N PHE A 384 12.04 13.53 3.08
CA PHE A 384 12.32 14.59 2.13
C PHE A 384 13.81 14.66 1.80
N SER A 385 14.58 13.65 2.19
CA SER A 385 15.99 13.52 1.81
C SER A 385 16.13 13.46 0.30
N ARG A 386 17.24 13.98 -0.20
CA ARG A 386 17.48 13.99 -1.60
C ARG A 386 17.85 12.64 -2.22
N HIS A 387 17.68 12.58 -3.52
CA HIS A 387 17.98 11.38 -4.31
C HIS A 387 19.04 11.59 -5.34
N TYR A 388 19.62 10.48 -5.75
CA TYR A 388 20.71 10.48 -6.70
C TYR A 388 20.27 9.66 -7.91
N LEU A 389 21.18 9.29 -8.80
CA LEU A 389 20.78 8.56 -9.99
C LEU A 389 20.12 7.23 -9.65
N PRO A 390 18.95 6.95 -10.24
CA PRO A 390 18.25 5.68 -9.82
C PRO A 390 18.87 4.49 -10.45
N VAL A 391 18.58 3.30 -9.91
CA VAL A 391 19.20 2.10 -10.48
C VAL A 391 18.20 0.97 -10.74
N PHE A 392 18.70 -0.10 -11.35
CA PHE A 392 17.90 -1.25 -11.69
C PHE A 392 18.56 -2.51 -11.13
N ALA A 393 17.79 -3.47 -10.62
CA ALA A 393 18.36 -4.74 -10.23
C ALA A 393 17.43 -5.92 -10.48
N ASN A 394 18.02 -7.04 -10.88
CA ASN A 394 17.27 -8.27 -11.03
C ASN A 394 17.14 -8.98 -9.71
N ILE A 395 16.08 -8.66 -8.97
CA ILE A 395 15.91 -9.14 -7.61
C ILE A 395 15.52 -10.64 -7.52
N LEU A 396 15.20 -11.26 -8.66
CA LEU A 396 14.88 -12.69 -8.66
C LEU A 396 16.09 -13.63 -8.67
N ASP A 397 17.26 -13.08 -8.93
CA ASP A 397 18.49 -13.81 -8.86
C ASP A 397 19.00 -13.87 -7.43
N ASP A 398 19.05 -15.05 -6.83
CA ASP A 398 19.42 -15.15 -5.39
C ASP A 398 20.88 -14.83 -5.14
N ASN A 399 21.68 -14.81 -6.20
CA ASN A 399 23.04 -14.29 -6.05
C ASN A 399 23.06 -12.77 -5.90
N ILE A 400 21.93 -12.10 -6.14
CA ILE A 400 21.81 -10.63 -6.05
C ILE A 400 20.94 -10.17 -4.87
N TYR A 401 19.83 -10.84 -4.69
CA TYR A 401 18.80 -10.45 -3.71
C TYR A 401 18.12 -11.70 -3.16
N THR A 402 18.19 -11.90 -1.84
CA THR A 402 17.40 -12.98 -1.20
C THR A 402 16.32 -12.49 -0.23
N ILE A 403 15.37 -13.38 0.03
CA ILE A 403 14.31 -13.14 0.99
C ILE A 403 14.95 -12.79 2.35
N ARG A 404 15.94 -13.58 2.79
CA ARG A 404 16.51 -13.43 4.14
C ARG A 404 17.29 -12.12 4.27
N ASP A 405 18.04 -11.77 3.24
CA ASP A 405 19.05 -10.68 3.37
C ASP A 405 18.95 -9.49 2.36
N GLY A 406 18.00 -9.54 1.42
CA GLY A 406 17.92 -8.50 0.36
C GLY A 406 19.23 -8.49 -0.41
N PHE A 407 19.74 -7.31 -0.65
CA PHE A 407 21.05 -7.11 -1.36
C PHE A 407 22.27 -7.40 -0.52
N ASN A 408 22.09 -7.49 0.81
CA ASN A 408 23.22 -7.51 1.72
C ASN A 408 23.61 -8.97 2.02
N LEU A 409 24.02 -9.63 0.93
CA LEU A 409 24.43 -11.05 0.94
C LEU A 409 25.80 -11.23 1.46
N THR A 410 26.18 -12.46 1.79
CA THR A 410 27.54 -12.71 2.19
C THR A 410 28.53 -12.53 1.01
N ASN A 411 28.05 -12.69 -0.22
CA ASN A 411 28.82 -12.42 -1.44
C ASN A 411 29.54 -11.09 -1.37
N LYS A 412 30.88 -11.15 -1.49
CA LYS A 412 31.74 -9.96 -1.59
C LYS A 412 31.70 -9.09 -0.34
N GLY A 413 31.13 -9.66 0.74
CA GLY A 413 31.14 -8.97 2.01
C GLY A 413 29.97 -7.99 2.09
N PHE A 414 28.91 -8.24 1.31
CA PHE A 414 27.86 -7.29 1.09
C PHE A 414 26.98 -7.26 2.33
N ASN A 415 27.27 -8.21 3.23
CA ASN A 415 26.51 -8.28 4.49
C ASN A 415 27.09 -7.27 5.50
N ILE A 416 28.24 -6.67 5.16
CA ILE A 416 28.94 -5.78 6.08
C ILE A 416 28.59 -4.34 5.74
N GLU A 417 28.03 -3.64 6.73
CA GLU A 417 27.70 -2.22 6.60
C GLU A 417 26.73 -1.94 5.43
N ASN A 418 25.77 -2.86 5.24
CA ASN A 418 24.81 -2.77 4.13
C ASN A 418 25.53 -2.48 2.77
N SER A 419 26.71 -3.05 2.58
CA SER A 419 27.47 -2.68 1.37
CA SER A 419 27.51 -2.76 1.37
C SER A 419 26.83 -3.21 0.09
N GLY A 420 25.95 -4.22 0.22
CA GLY A 420 25.14 -4.68 -0.88
C GLY A 420 24.27 -3.62 -1.51
N GLN A 421 23.85 -2.61 -0.72
CA GLN A 421 23.03 -1.51 -1.20
C GLN A 421 23.87 -0.34 -1.74
N ASN A 422 25.21 -0.44 -1.68
CA ASN A 422 26.09 0.64 -2.05
C ASN A 422 26.34 0.57 -3.56
N ILE A 423 25.95 1.63 -4.23
CA ILE A 423 26.00 1.68 -5.69
C ILE A 423 27.43 1.41 -6.23
N GLU A 424 28.42 2.02 -5.66
CA GLU A 424 29.80 1.85 -6.16
C GLU A 424 30.32 0.45 -5.90
N ARG A 425 29.84 -0.20 -4.85
CA ARG A 425 30.37 -1.54 -4.48
C ARG A 425 29.67 -2.65 -5.24
N ASN A 426 28.41 -2.44 -5.58
CA ASN A 426 27.62 -3.56 -6.11
C ASN A 426 27.30 -3.46 -7.61
N PRO A 427 28.00 -4.26 -8.45
CA PRO A 427 27.83 -4.25 -9.91
C PRO A 427 26.41 -4.62 -10.36
N ALA A 428 25.63 -5.26 -9.48
CA ALA A 428 24.29 -5.69 -9.78
C ALA A 428 23.27 -4.54 -9.76
N LEU A 429 23.69 -3.39 -9.21
CA LEU A 429 22.85 -2.21 -9.13
C LEU A 429 23.24 -1.39 -10.32
N GLN A 430 22.46 -1.60 -11.36
CA GLN A 430 22.78 -1.08 -12.71
C GLN A 430 22.24 0.33 -12.95
N LYS A 431 22.97 1.19 -13.65
CA LYS A 431 22.43 2.53 -13.91
C LYS A 431 21.21 2.45 -14.84
N LEU A 432 20.20 3.26 -14.57
CA LEU A 432 18.98 3.26 -15.40
C LEU A 432 19.16 4.08 -16.68
ZN ZN B . 4.25 7.57 0.52
K K C . 26.90 -0.30 -9.60
#